data_3IU4
#
_entry.id   3IU4
#
_cell.length_a   153.450
_cell.length_b   153.450
_cell.length_c   111.480
_cell.angle_alpha   90.00
_cell.angle_beta   90.00
_cell.angle_gamma   90.00
#
_symmetry.space_group_name_H-M   'I 4 2 2'
#
loop_
_entity.id
_entity.type
_entity.pdbx_description
1 polymer 'chP3 Fab heavy chain'
2 polymer 'chP3 Fab light chain'
3 non-polymer 'SULFATE ION'
4 water water
#
loop_
_entity_poly.entity_id
_entity_poly.type
_entity_poly.pdbx_seq_one_letter_code
_entity_poly.pdbx_strand_id
1 'polypeptide(L)'
;(PCA)VQLKESGPGLVAPSQSLSITCTVSGFSLSRYSVHWVRQPPGKGLEWLGMIWGGGSTDYNSALKSRLSISKDNSKS
QVFLKMNSLQTDDTAMYYCARSGVREGRAQAWFAYWGQGTLVTVSAASTKGPSVFPLAPSSKGSTSGTAALGCLVKDYFP
EPVTVSWNSGALTSGVHTFPAVLQSSGLYSLSSVVTVPSSSLGTQTYICNVNHKPSNTKVDKKVEPAQGGRVSAGSQAQR
SCLDASRLCSPSPGQQGRPRLPLHPEA
;
H
2 'polypeptide(L)'
;DIVMTQSHKFMSTSVGDRVSITCKASQDVSTAVAWYQQKPGQSPKLLIYSASYRYTGVPDRFTGSGSGTDFTFTISSVQA
EDLAVYYCQQHYSTPWTFGGGTKLELKRTVAAPSVFIFPPSDEQLKSGTASVVCLLNNFYPREAKVQWKVDNALQSGNSQ
ESVTEQDSKDSTYSLSSTLTLSKADYEKHKVYACEVTHQGLSSPVTKSFNRGE
;
L
#
loop_
_chem_comp.id
_chem_comp.type
_chem_comp.name
_chem_comp.formula
SO4 non-polymer 'SULFATE ION' 'O4 S -2'
#
# COMPACT_ATOMS: atom_id res chain seq x y z
N PCA A 1 -23.14 -7.72 -7.23
CA PCA A 1 -21.74 -8.11 -7.41
CB PCA A 1 -20.86 -6.96 -7.83
CG PCA A 1 -21.73 -5.74 -7.58
CD PCA A 1 -23.06 -6.29 -7.26
OE PCA A 1 -24.04 -5.56 -7.03
C PCA A 1 -21.23 -8.59 -6.05
O PCA A 1 -21.68 -8.13 -5.02
N VAL A 2 -20.36 -9.56 -6.11
CA VAL A 2 -19.81 -10.16 -4.91
C VAL A 2 -18.86 -9.13 -4.24
N GLN A 3 -19.05 -8.91 -2.93
CA GLN A 3 -18.27 -7.90 -2.16
C GLN A 3 -18.09 -8.42 -0.74
N LEU A 4 -16.91 -8.14 -0.15
CA LEU A 4 -16.69 -8.50 1.25
C LEU A 4 -16.00 -7.28 1.84
N LYS A 5 -16.33 -6.97 3.07
CA LYS A 5 -15.73 -5.79 3.68
C LYS A 5 -15.47 -6.05 5.13
N GLU A 6 -14.19 -5.87 5.54
CA GLU A 6 -13.84 -6.07 6.96
C GLU A 6 -13.96 -4.79 7.82
N SER A 7 -14.35 -4.99 9.05
CA SER A 7 -14.37 -3.92 10.09
C SER A 7 -13.63 -4.40 11.30
N GLY A 8 -12.55 -3.69 11.64
CA GLY A 8 -11.64 -4.23 12.71
C GLY A 8 -11.25 -3.01 13.57
N PRO A 9 -10.53 -3.29 14.63
CA PRO A 9 -10.35 -2.33 15.75
C PRO A 9 -9.25 -1.30 15.56
N GLY A 10 -8.34 -1.58 14.63
CA GLY A 10 -7.18 -0.72 14.39
C GLY A 10 -6.15 -1.26 15.38
N LEU A 11 -6.23 -0.89 16.64
CA LEU A 11 -5.18 -1.23 17.64
C LEU A 11 -5.70 -2.39 18.55
N VAL A 12 -4.85 -3.33 18.91
CA VAL A 12 -5.19 -4.30 19.92
C VAL A 12 -3.98 -4.20 20.92
N ALA A 13 -4.26 -4.16 22.24
CA ALA A 13 -3.11 -4.23 23.19
C ALA A 13 -2.56 -5.64 23.27
N PRO A 14 -1.27 -5.78 23.55
CA PRO A 14 -0.75 -7.12 23.61
C PRO A 14 -1.41 -7.94 24.70
N SER A 15 -1.65 -9.20 24.39
CA SER A 15 -2.32 -10.20 25.20
C SER A 15 -3.83 -10.17 25.07
N GLN A 16 -4.40 -9.09 24.48
CA GLN A 16 -5.84 -8.98 24.38
C GLN A 16 -6.33 -9.60 23.04
N SER A 17 -7.63 -9.53 22.84
CA SER A 17 -8.22 -10.25 21.69
C SER A 17 -8.50 -9.33 20.51
N LEU A 18 -8.67 -9.98 19.38
CA LEU A 18 -8.99 -9.26 18.13
C LEU A 18 -10.35 -9.83 17.69
N SER A 19 -11.23 -8.92 17.33
CA SER A 19 -12.50 -9.29 16.70
C SER A 19 -12.60 -8.52 15.36
N ILE A 20 -12.86 -9.25 14.25
CA ILE A 20 -13.04 -8.56 12.99
C ILE A 20 -14.40 -9.05 12.39
N THR A 21 -15.19 -8.13 11.89
CA THR A 21 -16.47 -8.51 11.17
C THR A 21 -16.19 -8.42 9.66
N CYS A 22 -16.63 -9.45 8.91
CA CYS A 22 -16.52 -9.42 7.46
C CYS A 22 -18.00 -9.35 7.00
N THR A 23 -18.39 -8.23 6.43
CA THR A 23 -19.81 -8.12 5.96
C THR A 23 -19.72 -8.41 4.49
N VAL A 24 -20.62 -9.30 4.02
CA VAL A 24 -20.57 -9.65 2.58
C VAL A 24 -21.93 -9.33 1.91
N SER A 25 -21.87 -9.23 0.59
CA SER A 25 -23.12 -9.02 -0.21
C SER A 25 -22.89 -9.61 -1.57
N GLY A 26 -24.01 -9.82 -2.31
CA GLY A 26 -23.82 -10.38 -3.60
C GLY A 26 -23.85 -11.88 -3.65
N PHE A 27 -23.97 -12.55 -2.51
CA PHE A 27 -23.94 -14.04 -2.46
C PHE A 27 -24.45 -14.47 -1.13
N SER A 28 -24.81 -15.74 -1.03
CA SER A 28 -25.30 -16.26 0.25
C SER A 28 -24.23 -16.99 1.03
N LEU A 29 -24.00 -16.65 2.32
CA LEU A 29 -22.99 -17.40 3.11
C LEU A 29 -23.36 -18.81 3.35
N SER A 30 -24.67 -19.16 3.21
CA SER A 30 -24.99 -20.57 3.42
C SER A 30 -24.40 -21.40 2.32
N ARG A 31 -24.12 -20.81 1.15
CA ARG A 31 -23.58 -21.60 0.06
C ARG A 31 -22.12 -21.46 -0.34
N TYR A 32 -21.31 -20.63 0.37
CA TYR A 32 -19.93 -20.49 -0.05
C TYR A 32 -19.08 -20.51 1.23
N SER A 33 -17.84 -20.95 1.11
CA SER A 33 -16.91 -20.87 2.25
C SER A 33 -16.31 -19.48 2.26
N VAL A 34 -15.99 -18.99 3.47
CA VAL A 34 -15.25 -17.69 3.60
C VAL A 34 -14.01 -18.01 4.43
N HIS A 35 -12.89 -17.46 3.98
CA HIS A 35 -11.60 -17.81 4.59
C HIS A 35 -11.05 -16.51 5.13
N TRP A 36 -10.13 -16.59 6.10
CA TRP A 36 -9.39 -15.41 6.58
C TRP A 36 -7.90 -15.63 6.22
N VAL A 37 -7.26 -14.58 5.71
CA VAL A 37 -5.80 -14.67 5.29
C VAL A 37 -5.20 -13.35 5.81
N ARG A 38 -3.94 -13.37 6.28
CA ARG A 38 -3.39 -12.10 6.76
C ARG A 38 -2.02 -11.88 6.17
N GLN A 39 -1.56 -10.65 6.23
CA GLN A 39 -0.31 -10.25 5.54
C GLN A 39 0.33 -9.16 6.46
N PRO A 40 1.39 -9.54 7.13
CA PRO A 40 2.14 -8.49 7.85
C PRO A 40 2.64 -7.41 6.84
N PRO A 41 2.74 -6.14 7.28
CA PRO A 41 3.16 -5.04 6.39
C PRO A 41 4.45 -5.40 5.67
N GLY A 42 4.38 -5.36 4.35
CA GLY A 42 5.58 -5.60 3.54
C GLY A 42 5.95 -7.08 3.37
N LYS A 43 5.14 -8.00 3.95
CA LYS A 43 5.47 -9.40 3.92
C LYS A 43 4.43 -10.20 3.08
N GLY A 44 4.45 -11.51 3.22
CA GLY A 44 3.67 -12.40 2.35
C GLY A 44 2.35 -12.79 2.99
N LEU A 45 1.70 -13.85 2.51
CA LEU A 45 0.34 -14.12 2.94
C LEU A 45 0.27 -15.42 3.70
N GLU A 46 -0.55 -15.45 4.73
CA GLU A 46 -0.70 -16.60 5.64
C GLU A 46 -2.18 -16.92 5.77
N TRP A 47 -2.54 -18.13 5.37
CA TRP A 47 -3.95 -18.53 5.48
C TRP A 47 -4.23 -18.87 6.98
N LEU A 48 -5.39 -18.41 7.50
CA LEU A 48 -5.72 -18.54 8.92
C LEU A 48 -6.79 -19.58 9.21
N GLY A 49 -7.83 -19.61 8.36
CA GLY A 49 -8.97 -20.51 8.73
C GLY A 49 -10.12 -20.29 7.74
N MET A 50 -11.13 -21.16 7.81
CA MET A 50 -12.27 -21.00 6.88
C MET A 50 -13.47 -21.46 7.64
N ILE A 51 -14.62 -20.97 7.20
CA ILE A 51 -15.90 -21.45 7.71
C ILE A 51 -16.72 -21.86 6.49
N TRP A 52 -17.16 -23.09 6.50
CA TRP A 52 -17.86 -23.67 5.29
C TRP A 52 -19.24 -23.14 5.25
N GLY A 53 -19.88 -23.24 4.07
CA GLY A 53 -21.27 -22.80 3.89
C GLY A 53 -22.08 -23.38 5.02
N GLY A 54 -21.87 -24.65 5.31
CA GLY A 54 -22.65 -25.33 6.33
C GLY A 54 -22.35 -25.03 7.79
N GLY A 55 -21.21 -24.35 8.12
CA GLY A 55 -21.01 -23.93 9.56
C GLY A 55 -19.76 -24.55 10.17
N SER A 56 -19.23 -25.57 9.52
CA SER A 56 -18.03 -26.22 10.02
C SER A 56 -16.86 -25.24 9.86
N THR A 57 -15.80 -25.43 10.65
CA THR A 57 -14.60 -24.58 10.51
C THR A 57 -13.37 -25.44 10.42
N ASP A 58 -12.26 -24.89 9.89
CA ASP A 58 -11.01 -25.56 10.00
C ASP A 58 -9.99 -24.39 10.17
N TYR A 59 -8.94 -24.58 10.94
CA TYR A 59 -8.01 -23.50 11.31
C TYR A 59 -6.59 -23.94 11.07
N ASN A 60 -5.70 -22.99 10.77
CA ASN A 60 -4.31 -23.30 10.63
C ASN A 60 -3.78 -23.70 11.99
N SER A 61 -3.04 -24.81 12.06
CA SER A 61 -2.49 -25.23 13.36
C SER A 61 -1.51 -24.22 13.89
N ALA A 62 -0.85 -23.49 13.02
CA ALA A 62 0.16 -22.52 13.51
C ALA A 62 -0.50 -21.49 14.47
N LEU A 63 -1.83 -21.43 14.52
CA LEU A 63 -2.45 -20.36 15.27
C LEU A 63 -2.66 -20.89 16.67
N LYS A 64 -2.35 -22.18 16.90
CA LYS A 64 -2.33 -22.76 18.25
C LYS A 64 -3.65 -22.59 19.00
N SER A 65 -4.77 -22.87 18.30
CA SER A 65 -6.11 -22.71 18.77
C SER A 65 -6.50 -21.30 19.26
N ARG A 66 -5.69 -20.28 19.03
CA ARG A 66 -6.08 -18.93 19.46
C ARG A 66 -7.21 -18.38 18.60
N LEU A 67 -7.43 -18.97 17.43
CA LEU A 67 -8.36 -18.36 16.45
C LEU A 67 -9.65 -19.19 16.34
N SER A 68 -10.78 -18.50 16.34
CA SER A 68 -12.05 -19.14 15.98
C SER A 68 -12.80 -18.29 14.98
N ILE A 69 -13.75 -18.90 14.26
CA ILE A 69 -14.54 -18.15 13.30
C ILE A 69 -15.99 -18.58 13.50
N SER A 70 -16.89 -17.62 13.49
CA SER A 70 -18.33 -17.91 13.49
C SER A 70 -19.02 -17.06 12.49
N LYS A 71 -20.33 -17.30 12.24
CA LYS A 71 -20.99 -16.47 11.24
C LYS A 71 -22.44 -16.34 11.52
N ASP A 72 -23.09 -15.39 10.89
CA ASP A 72 -24.58 -15.23 10.93
C ASP A 72 -25.10 -15.15 9.49
N ASN A 73 -25.52 -16.28 8.93
CA ASN A 73 -25.92 -16.35 7.51
C ASN A 73 -26.97 -15.28 7.25
N SER A 74 -27.91 -15.16 8.15
CA SER A 74 -29.01 -14.18 7.92
C SER A 74 -28.60 -12.76 7.77
N LYS A 75 -27.44 -12.38 8.37
CA LYS A 75 -27.04 -11.01 8.26
C LYS A 75 -25.77 -10.86 7.41
N SER A 76 -25.37 -11.96 6.78
CA SER A 76 -24.30 -11.95 5.83
C SER A 76 -23.04 -11.44 6.55
N GLN A 77 -22.83 -11.95 7.75
CA GLN A 77 -21.56 -11.57 8.50
C GLN A 77 -20.77 -12.75 8.91
N VAL A 78 -19.43 -12.66 8.75
CA VAL A 78 -18.57 -13.72 9.26
C VAL A 78 -17.67 -13.00 10.33
N PHE A 79 -17.35 -13.69 11.38
CA PHE A 79 -16.60 -13.00 12.53
C PHE A 79 -15.36 -13.76 12.80
N LEU A 80 -14.18 -13.05 12.85
CA LEU A 80 -12.95 -13.71 13.25
C LEU A 80 -12.74 -13.27 14.72
N LYS A 81 -12.29 -14.21 15.55
CA LYS A 81 -11.92 -13.93 16.96
C LYS A 81 -10.55 -14.54 17.15
N MET A 82 -9.56 -13.75 17.58
CA MET A 82 -8.29 -14.39 17.87
C MET A 82 -7.79 -13.87 19.28
N ASN A 83 -7.44 -14.81 20.18
CA ASN A 83 -7.02 -14.41 21.55
C ASN A 83 -5.53 -14.17 21.61
N SER A 84 -5.13 -13.53 22.69
CA SER A 84 -3.69 -13.45 23.03
C SER A 84 -2.79 -12.87 22.03
N LEU A 85 -3.09 -11.63 21.51
CA LEU A 85 -2.35 -11.17 20.42
C LEU A 85 -0.93 -10.74 20.87
N GLN A 86 0.04 -11.01 20.03
CA GLN A 86 1.40 -10.48 20.21
C GLN A 86 1.94 -9.87 18.97
N THR A 87 3.22 -9.50 18.95
CA THR A 87 3.72 -8.78 17.79
C THR A 87 3.58 -9.39 16.38
N ASP A 88 3.72 -10.69 16.23
CA ASP A 88 3.71 -11.35 14.97
C ASP A 88 2.21 -11.25 14.46
N ASP A 89 1.27 -10.87 15.32
CA ASP A 89 -0.16 -10.80 14.84
C ASP A 89 -0.47 -9.42 14.23
N THR A 90 0.47 -8.47 14.28
CA THR A 90 0.29 -7.23 13.51
C THR A 90 0.24 -7.54 12.02
N ALA A 91 -0.86 -7.16 11.36
CA ALA A 91 -1.01 -7.57 9.95
C ALA A 91 -2.27 -7.01 9.39
N MET A 92 -2.32 -7.02 8.06
CA MET A 92 -3.57 -6.74 7.39
C MET A 92 -4.33 -8.09 7.37
N TYR A 93 -5.61 -8.03 7.72
CA TYR A 93 -6.46 -9.23 7.83
C TYR A 93 -7.49 -9.10 6.68
N TYR A 94 -7.64 -10.15 5.91
CA TYR A 94 -8.59 -10.15 4.78
C TYR A 94 -9.60 -11.28 5.02
N CYS A 95 -10.88 -11.05 4.71
CA CYS A 95 -11.74 -12.23 4.49
C CYS A 95 -11.86 -12.40 2.97
N ALA A 96 -12.07 -13.64 2.54
CA ALA A 96 -12.12 -13.93 1.05
C ALA A 96 -13.13 -15.05 0.81
N ARG A 97 -13.74 -15.01 -0.37
CA ARG A 97 -14.71 -16.10 -0.73
C ARG A 97 -14.02 -17.06 -1.63
N SER A 98 -14.18 -18.37 -1.42
CA SER A 98 -13.47 -19.32 -2.22
C SER A 98 -14.33 -19.70 -3.43
N GLY A 99 -13.75 -20.45 -4.36
CA GLY A 99 -14.46 -20.76 -5.62
C GLY A 99 -15.23 -22.02 -5.37
N VAL A 100 -16.16 -22.32 -6.29
CA VAL A 100 -16.83 -23.60 -6.36
C VAL A 100 -16.61 -24.21 -7.79
N ARG A 101 -16.07 -25.41 -7.86
CA ARG A 101 -15.92 -26.08 -9.15
C ARG A 101 -16.56 -27.43 -8.97
N ALA A 105 -16.11 -27.57 -2.90
CA ALA A 105 -15.29 -26.37 -2.90
C ALA A 105 -13.81 -26.45 -3.24
N GLN A 106 -13.01 -25.31 -3.94
CA GLN A 106 -11.72 -25.11 -4.36
C GLN A 106 -11.30 -24.11 -3.31
N ALA A 107 -10.17 -24.40 -2.75
CA ALA A 107 -9.51 -23.46 -1.79
C ALA A 107 -8.67 -22.46 -2.50
N TRP A 108 -9.21 -21.84 -3.51
CA TRP A 108 -8.55 -20.68 -4.01
C TRP A 108 -9.55 -19.51 -3.90
N PHE A 109 -9.00 -18.30 -3.91
CA PHE A 109 -9.74 -17.20 -3.35
C PHE A 109 -10.10 -16.17 -4.41
N ALA A 110 -11.36 -16.25 -4.85
CA ALA A 110 -11.73 -15.50 -6.04
C ALA A 110 -12.14 -14.06 -5.72
N TYR A 111 -12.61 -13.80 -4.52
CA TYR A 111 -13.04 -12.45 -4.12
C TYR A 111 -12.50 -12.14 -2.75
N TRP A 112 -11.96 -10.93 -2.63
CA TRP A 112 -11.36 -10.54 -1.31
C TRP A 112 -11.91 -9.29 -0.81
N GLY A 113 -11.98 -9.12 0.50
CA GLY A 113 -12.26 -7.77 1.04
C GLY A 113 -11.01 -6.84 0.87
N GLN A 114 -11.20 -5.57 1.18
CA GLN A 114 -10.08 -4.60 1.08
C GLN A 114 -9.08 -4.78 2.22
N GLY A 115 -9.47 -5.55 3.23
CA GLY A 115 -8.57 -5.87 4.39
C GLY A 115 -8.61 -4.76 5.41
N THR A 116 -8.24 -5.13 6.64
CA THR A 116 -8.19 -4.17 7.73
C THR A 116 -6.86 -4.40 8.46
N LEU A 117 -6.18 -3.27 8.72
CA LEU A 117 -4.83 -3.42 9.39
C LEU A 117 -5.02 -3.42 10.91
N VAL A 118 -4.41 -4.41 11.57
CA VAL A 118 -4.49 -4.52 13.05
C VAL A 118 -3.06 -4.34 13.51
N THR A 119 -2.89 -3.38 14.43
CA THR A 119 -1.54 -3.16 14.96
C THR A 119 -1.60 -3.54 16.42
N VAL A 120 -0.67 -4.40 16.85
CA VAL A 120 -0.67 -4.84 18.27
C VAL A 120 0.35 -3.95 18.99
N SER A 121 -0.19 -3.20 19.92
CA SER A 121 0.60 -2.08 20.59
C SER A 121 -0.12 -1.67 21.85
N ALA A 122 0.67 -1.39 22.88
CA ALA A 122 0.17 -0.85 24.10
C ALA A 122 -0.02 0.67 24.04
N ALA A 123 0.33 1.32 22.93
CA ALA A 123 0.15 2.74 22.88
C ALA A 123 -1.28 3.15 22.60
N SER A 124 -1.51 4.46 22.66
CA SER A 124 -2.83 5.03 22.44
C SER A 124 -3.13 5.43 21.01
N THR A 125 -4.40 5.31 20.61
CA THR A 125 -4.81 5.82 19.30
C THR A 125 -4.67 7.34 19.29
N LYS A 126 -4.21 7.91 18.18
CA LYS A 126 -4.10 9.37 18.07
C LYS A 126 -4.51 9.77 16.68
N GLY A 127 -5.47 10.72 16.55
CA GLY A 127 -5.86 11.20 15.23
C GLY A 127 -4.85 12.20 14.62
N PRO A 128 -4.91 12.39 13.31
CA PRO A 128 -3.93 13.21 12.54
C PRO A 128 -4.16 14.72 12.65
N SER A 129 -3.11 15.51 12.49
CA SER A 129 -3.27 16.95 12.14
C SER A 129 -3.07 17.02 10.68
N VAL A 130 -3.84 17.87 9.98
CA VAL A 130 -3.72 17.92 8.55
C VAL A 130 -3.36 19.34 8.13
N PHE A 131 -2.21 19.51 7.48
CA PHE A 131 -1.70 20.84 7.10
C PHE A 131 -1.56 20.94 5.59
N PRO A 132 -1.77 22.15 5.09
CA PRO A 132 -1.66 22.32 3.64
C PRO A 132 -0.19 22.34 3.06
N LEU A 133 -0.03 21.86 1.84
CA LEU A 133 1.22 22.06 1.13
C LEU A 133 0.83 22.96 -0.05
N ALA A 134 1.04 24.25 0.15
CA ALA A 134 0.27 25.23 -0.64
C ALA A 134 1.04 25.42 -1.91
N PRO A 135 0.31 25.62 -3.05
CA PRO A 135 1.08 25.60 -4.29
C PRO A 135 1.86 26.90 -4.38
N SER A 136 3.07 26.81 -4.90
CA SER A 136 4.01 27.94 -4.94
C SER A 136 3.48 29.11 -5.76
N SER A 137 3.69 30.32 -5.26
CA SER A 137 3.28 31.50 -6.05
C SER A 137 4.31 31.81 -7.16
N LYS A 138 5.57 31.42 -6.94
CA LYS A 138 6.61 31.62 -7.94
C LYS A 138 6.19 31.01 -9.26
N GLY A 143 2.89 25.43 -17.51
CA GLY A 143 3.07 25.63 -16.09
C GLY A 143 2.27 24.56 -15.36
N THR A 144 2.99 23.63 -14.74
CA THR A 144 2.39 22.64 -13.82
C THR A 144 2.68 23.07 -12.40
N ALA A 145 1.65 23.12 -11.54
CA ALA A 145 1.86 23.39 -10.12
C ALA A 145 1.60 22.14 -9.25
N ALA A 146 2.27 22.04 -8.11
CA ALA A 146 2.00 20.94 -7.15
C ALA A 146 1.45 21.52 -5.89
N LEU A 147 0.52 20.78 -5.30
CA LEU A 147 0.01 21.14 -4.02
C LEU A 147 -0.24 19.80 -3.26
N GLY A 148 -0.54 19.88 -1.98
CA GLY A 148 -0.76 18.63 -1.17
C GLY A 148 -1.28 18.90 0.21
N CYS A 149 -1.24 17.85 1.04
CA CYS A 149 -1.65 17.86 2.39
C CYS A 149 -0.59 17.03 3.12
N LEU A 150 -0.15 17.59 4.25
CA LEU A 150 0.71 16.84 5.14
C LEU A 150 -0.15 16.29 6.29
N VAL A 151 -0.07 14.99 6.55
CA VAL A 151 -0.97 14.34 7.52
C VAL A 151 -0.08 13.75 8.62
N LYS A 152 -0.09 14.40 9.78
CA LYS A 152 0.99 14.23 10.76
C LYS A 152 0.48 13.80 12.07
N ASP A 153 1.33 13.01 12.74
CA ASP A 153 1.14 12.71 14.10
C ASP A 153 -0.10 11.88 14.44
N TYR A 154 -0.26 10.77 13.73
CA TYR A 154 -1.34 9.87 14.06
C TYR A 154 -0.81 8.49 14.38
N PHE A 155 -1.70 7.70 14.97
CA PHE A 155 -1.34 6.31 15.34
C PHE A 155 -2.64 5.54 15.62
N PRO A 156 -2.69 4.28 15.20
CA PRO A 156 -1.74 3.51 14.35
C PRO A 156 -2.05 3.84 12.89
N GLU A 157 -1.43 3.13 11.95
N GLU A 157 -1.42 3.13 11.96
CA GLU A 157 -1.83 3.25 10.52
CA GLU A 157 -1.82 3.21 10.53
C GLU A 157 -3.18 2.53 10.37
C GLU A 157 -3.18 2.53 10.38
N PRO A 158 -3.90 2.77 9.28
CA PRO A 158 -3.53 3.70 8.18
C PRO A 158 -4.38 4.91 8.15
N VAL A 159 -3.99 5.86 7.30
CA VAL A 159 -4.98 6.88 6.88
C VAL A 159 -5.25 6.72 5.38
N THR A 160 -6.38 7.25 4.90
CA THR A 160 -6.55 7.38 3.47
C THR A 160 -6.71 8.84 3.10
N VAL A 161 -6.39 9.18 1.85
CA VAL A 161 -6.52 10.57 1.36
C VAL A 161 -7.11 10.45 -0.03
N SER A 162 -8.16 11.24 -0.28
CA SER A 162 -8.66 11.36 -1.63
C SER A 162 -8.63 12.88 -1.81
N TRP A 163 -8.80 13.30 -3.04
CA TRP A 163 -8.88 14.74 -3.32
C TRP A 163 -10.22 15.10 -3.99
N ASN A 164 -10.86 16.15 -3.49
CA ASN A 164 -12.14 16.64 -4.08
C ASN A 164 -13.15 15.48 -4.14
N SER A 165 -13.23 14.78 -3.00
CA SER A 165 -14.04 13.57 -2.81
C SER A 165 -13.90 12.50 -3.86
N GLY A 166 -12.75 12.37 -4.50
CA GLY A 166 -12.56 11.26 -5.43
C GLY A 166 -12.66 11.81 -6.85
N ALA A 167 -13.18 13.03 -6.98
CA ALA A 167 -13.27 13.64 -8.31
C ALA A 167 -11.88 13.77 -8.96
N LEU A 168 -10.87 14.09 -8.13
CA LEU A 168 -9.48 14.30 -8.57
C LEU A 168 -8.61 13.07 -8.29
N THR A 169 -8.08 12.38 -9.31
CA THR A 169 -7.34 11.15 -9.07
C THR A 169 -6.12 11.22 -9.89
N SER A 170 -6.21 11.96 -10.97
CA SER A 170 -5.10 11.95 -11.89
C SER A 170 -3.91 12.80 -11.34
N GLY A 171 -2.71 12.28 -11.49
CA GLY A 171 -1.50 12.95 -10.93
C GLY A 171 -1.44 13.05 -9.39
N VAL A 172 -2.31 12.32 -8.69
CA VAL A 172 -2.24 12.24 -7.21
C VAL A 172 -1.11 11.29 -6.81
N HIS A 173 -0.32 11.66 -5.78
CA HIS A 173 0.63 10.66 -5.27
C HIS A 173 0.54 10.72 -3.74
N THR A 174 0.08 9.63 -3.13
CA THR A 174 0.03 9.56 -1.62
C THR A 174 1.20 8.67 -1.19
N PHE A 175 2.12 9.21 -0.40
CA PHE A 175 3.33 8.47 -0.06
C PHE A 175 3.10 7.51 1.12
N PRO A 176 3.97 6.51 1.21
CA PRO A 176 3.95 5.64 2.36
C PRO A 176 4.22 6.47 3.61
N ALA A 177 3.55 6.16 4.71
CA ALA A 177 3.81 6.94 5.96
C ALA A 177 5.18 6.57 6.45
N VAL A 178 5.78 7.43 7.28
CA VAL A 178 7.01 7.07 7.99
C VAL A 178 6.74 7.22 9.50
N LEU A 179 7.26 6.31 10.28
CA LEU A 179 7.07 6.39 11.71
C LEU A 179 8.18 7.26 12.26
N GLN A 180 7.81 8.32 13.00
CA GLN A 180 8.78 9.22 13.59
C GLN A 180 9.22 8.68 14.94
N SER A 181 10.28 9.31 15.46
CA SER A 181 10.77 8.83 16.78
C SER A 181 9.80 8.94 17.92
N SER A 182 8.81 9.84 17.80
CA SER A 182 7.74 9.96 18.77
C SER A 182 6.81 8.76 18.80
N GLY A 183 6.89 7.86 17.79
CA GLY A 183 5.92 6.69 17.75
C GLY A 183 4.67 7.10 16.99
N LEU A 184 4.69 8.26 16.36
CA LEU A 184 3.50 8.68 15.55
C LEU A 184 3.93 8.76 14.07
N TYR A 185 2.98 8.44 13.17
CA TYR A 185 3.25 8.44 11.75
C TYR A 185 3.03 9.78 11.09
N SER A 186 3.67 9.94 9.95
CA SER A 186 3.53 11.20 9.16
C SER A 186 3.53 10.78 7.67
N LEU A 187 2.68 11.44 6.85
CA LEU A 187 2.49 11.00 5.46
C LEU A 187 2.19 12.30 4.69
N SER A 188 2.59 12.35 3.41
CA SER A 188 2.07 13.48 2.61
C SER A 188 1.34 12.88 1.40
N SER A 189 0.35 13.67 0.94
CA SER A 189 -0.32 13.37 -0.32
C SER A 189 -0.23 14.63 -1.21
N VAL A 190 0.20 14.44 -2.44
CA VAL A 190 0.36 15.62 -3.34
C VAL A 190 -0.37 15.40 -4.64
N VAL A 191 -0.50 16.48 -5.42
CA VAL A 191 -1.08 16.28 -6.75
C VAL A 191 -0.53 17.44 -7.57
N THR A 192 -0.21 17.16 -8.83
CA THR A 192 0.15 18.20 -9.78
C THR A 192 -1.09 18.53 -10.64
N VAL A 193 -1.25 19.84 -10.89
CA VAL A 193 -2.39 20.40 -11.63
C VAL A 193 -1.93 21.57 -12.52
N PRO A 194 -2.75 21.98 -13.49
CA PRO A 194 -2.32 23.16 -14.25
C PRO A 194 -2.36 24.46 -13.42
N SER A 195 -1.24 25.20 -13.40
CA SER A 195 -1.18 26.55 -12.77
C SER A 195 -2.45 27.34 -13.01
N SER A 196 -2.90 27.34 -14.27
CA SER A 196 -4.10 28.09 -14.62
C SER A 196 -5.34 27.78 -13.74
N SER A 197 -5.45 26.57 -13.18
CA SER A 197 -6.62 26.24 -12.37
C SER A 197 -6.59 26.86 -10.97
N LEU A 198 -5.43 27.35 -10.54
CA LEU A 198 -5.22 27.76 -9.13
C LEU A 198 -6.09 28.91 -8.63
N GLY A 199 -6.21 29.98 -9.41
CA GLY A 199 -7.18 31.02 -9.07
C GLY A 199 -8.56 30.38 -8.99
N THR A 200 -8.84 29.46 -9.91
CA THR A 200 -10.22 29.06 -10.11
C THR A 200 -10.62 27.72 -9.48
N GLN A 201 -9.81 26.68 -9.68
CA GLN A 201 -10.13 25.34 -9.12
C GLN A 201 -9.98 25.24 -7.58
N THR A 202 -11.00 24.72 -6.90
CA THR A 202 -10.85 24.41 -5.47
C THR A 202 -10.30 22.98 -5.26
N TYR A 203 -9.33 22.88 -4.36
CA TYR A 203 -8.66 21.61 -4.09
C TYR A 203 -8.75 21.34 -2.61
N ILE A 204 -9.33 20.20 -2.26
CA ILE A 204 -9.57 19.84 -0.89
C ILE A 204 -9.05 18.41 -0.70
N CYS A 205 -8.16 18.18 0.26
CA CYS A 205 -7.75 16.78 0.51
C CYS A 205 -8.68 16.25 1.58
N ASN A 206 -9.22 15.06 1.36
CA ASN A 206 -10.13 14.43 2.34
C ASN A 206 -9.38 13.29 3.06
N VAL A 207 -9.20 13.43 4.37
CA VAL A 207 -8.37 12.49 5.13
C VAL A 207 -9.27 11.65 6.07
N ASN A 208 -9.11 10.35 6.06
CA ASN A 208 -9.82 9.53 6.99
C ASN A 208 -8.81 8.67 7.81
N HIS A 209 -8.96 8.68 9.11
CA HIS A 209 -8.21 7.83 10.02
C HIS A 209 -9.21 7.00 10.83
N LYS A 210 -9.56 5.82 10.33
CA LYS A 210 -10.60 4.96 10.96
C LYS A 210 -10.22 4.52 12.35
N PRO A 211 -8.91 4.21 12.63
CA PRO A 211 -8.64 3.83 14.02
C PRO A 211 -9.09 4.83 15.01
N SER A 212 -9.11 6.12 14.69
CA SER A 212 -9.51 7.13 15.69
C SER A 212 -10.91 7.66 15.31
N ASN A 213 -11.53 6.99 14.35
CA ASN A 213 -12.76 7.52 13.81
C ASN A 213 -12.72 9.02 13.52
N THR A 214 -11.71 9.46 12.76
CA THR A 214 -11.45 10.85 12.45
C THR A 214 -11.45 11.16 10.96
N LYS A 215 -12.11 12.26 10.59
CA LYS A 215 -12.22 12.67 9.19
C LYS A 215 -11.93 14.13 9.18
N VAL A 216 -11.14 14.56 8.20
CA VAL A 216 -10.70 15.91 8.13
C VAL A 216 -10.63 16.26 6.64
N ASP A 217 -11.25 17.38 6.26
CA ASP A 217 -11.09 17.92 4.93
C ASP A 217 -10.22 19.16 5.05
N LYS A 218 -9.39 19.41 4.05
CA LYS A 218 -8.54 20.53 4.20
C LYS A 218 -8.53 21.20 2.85
N LYS A 219 -9.06 22.45 2.84
CA LYS A 219 -8.99 23.30 1.67
C LYS A 219 -7.54 23.75 1.45
N VAL A 220 -6.97 23.52 0.27
CA VAL A 220 -5.58 23.87 0.04
C VAL A 220 -5.49 25.02 -0.95
N GLU A 221 -4.95 26.15 -0.53
CA GLU A 221 -4.96 27.40 -1.30
C GLU A 221 -3.59 28.03 -1.44
N PRO A 222 -3.38 28.81 -2.51
CA PRO A 222 -2.18 29.66 -2.57
C PRO A 222 -2.13 30.52 -1.33
N ALA A 223 -0.96 30.68 -0.70
CA ALA A 223 -0.84 31.61 0.41
C ALA A 223 -0.42 33.01 -0.10
N ASP B 1 3.14 -29.58 6.30
CA ASP B 1 2.69 -28.46 5.39
C ASP B 1 3.55 -28.43 4.15
N ILE B 2 3.04 -27.79 3.11
CA ILE B 2 3.75 -27.76 1.86
C ILE B 2 4.33 -26.38 1.73
N VAL B 3 5.57 -26.28 1.28
CA VAL B 3 6.20 -24.97 1.09
C VAL B 3 6.09 -24.65 -0.39
N MET B 4 5.71 -23.40 -0.74
CA MET B 4 5.77 -23.00 -2.15
C MET B 4 6.94 -21.96 -2.25
N THR B 5 7.84 -22.16 -3.18
CA THR B 5 9.05 -21.30 -3.28
C THR B 5 9.08 -20.57 -4.59
N GLN B 6 9.12 -19.25 -4.53
CA GLN B 6 9.35 -18.48 -5.74
C GLN B 6 10.84 -18.10 -5.75
N SER B 7 11.58 -18.34 -6.84
CA SER B 7 13.03 -18.22 -6.77
C SER B 7 13.47 -16.79 -6.64
N HIS B 8 12.64 -15.84 -7.06
CA HIS B 8 13.08 -14.44 -6.97
C HIS B 8 12.10 -13.54 -6.32
N LYS B 9 12.55 -12.65 -5.43
CA LYS B 9 11.64 -11.68 -4.90
C LYS B 9 11.39 -10.57 -5.87
N PHE B 10 12.26 -10.42 -6.88
CA PHE B 10 12.07 -9.28 -7.82
C PHE B 10 12.33 -9.79 -9.20
N MET B 11 11.65 -9.25 -10.20
N MET B 11 11.68 -9.19 -10.21
CA MET B 11 11.91 -9.67 -11.60
CA MET B 11 11.93 -9.61 -11.59
C MET B 11 11.88 -8.38 -12.38
C MET B 11 11.79 -8.50 -12.59
N SER B 12 12.94 -8.11 -13.15
CA SER B 12 12.98 -6.88 -13.92
C SER B 12 12.51 -7.23 -15.33
N THR B 13 11.70 -6.34 -15.95
CA THR B 13 11.28 -6.63 -17.31
C THR B 13 10.97 -5.27 -17.93
N SER B 14 10.38 -5.24 -19.12
CA SER B 14 10.06 -3.92 -19.76
C SER B 14 8.72 -4.14 -20.42
N VAL B 15 7.97 -3.07 -20.69
CA VAL B 15 6.68 -3.23 -21.30
C VAL B 15 6.86 -3.89 -22.67
N GLY B 16 5.96 -4.82 -22.98
CA GLY B 16 5.91 -5.60 -24.25
C GLY B 16 6.77 -6.86 -24.18
N ASP B 17 7.54 -7.04 -23.12
CA ASP B 17 8.37 -8.26 -23.00
C ASP B 17 7.56 -9.42 -22.49
N ARG B 18 8.03 -10.64 -22.70
N ARG B 18 8.11 -10.62 -22.67
CA ARG B 18 7.35 -11.79 -22.08
CA ARG B 18 7.54 -11.82 -22.06
C ARG B 18 8.16 -12.06 -20.81
C ARG B 18 8.22 -11.93 -20.72
N VAL B 19 7.50 -12.34 -19.69
CA VAL B 19 8.21 -12.65 -18.45
C VAL B 19 7.58 -13.90 -17.85
N SER B 20 8.40 -14.75 -17.26
CA SER B 20 7.90 -15.95 -16.56
C SER B 20 8.41 -15.98 -15.13
N ILE B 21 7.55 -16.42 -14.22
CA ILE B 21 7.85 -16.40 -12.79
C ILE B 21 7.67 -17.86 -12.37
N THR B 22 8.66 -18.37 -11.67
CA THR B 22 8.56 -19.80 -11.32
C THR B 22 8.17 -20.01 -9.86
N CYS B 23 7.47 -21.11 -9.60
CA CYS B 23 7.10 -21.39 -8.26
C CYS B 23 7.27 -22.90 -8.10
N LYS B 24 8.02 -23.36 -7.08
CA LYS B 24 8.26 -24.78 -6.89
C LYS B 24 7.69 -25.27 -5.55
N ALA B 25 6.91 -26.33 -5.60
CA ALA B 25 6.27 -26.94 -4.36
C ALA B 25 7.21 -27.98 -3.75
N SER B 26 7.17 -28.11 -2.42
CA SER B 26 8.06 -29.01 -1.75
C SER B 26 7.46 -30.42 -1.79
N GLN B 27 6.24 -30.56 -2.29
N GLN B 27 6.20 -30.57 -2.19
CA GLN B 27 5.60 -31.86 -2.41
CA GLN B 27 5.58 -31.89 -2.38
C GLN B 27 4.75 -31.87 -3.65
C GLN B 27 4.92 -31.87 -3.72
N ASP B 28 4.53 -33.04 -4.24
CA ASP B 28 3.73 -33.11 -5.45
C ASP B 28 2.32 -32.58 -5.20
N VAL B 29 1.87 -31.54 -5.92
CA VAL B 29 0.58 -30.99 -5.66
C VAL B 29 -0.29 -31.12 -6.93
N SER B 30 0.08 -32.08 -7.80
CA SER B 30 -0.75 -32.30 -9.00
C SER B 30 -0.87 -30.96 -9.78
N THR B 31 -2.05 -30.48 -10.04
CA THR B 31 -2.14 -29.17 -10.78
C THR B 31 -2.84 -28.15 -9.89
N ALA B 32 -2.89 -28.40 -8.57
CA ALA B 32 -3.70 -27.54 -7.70
C ALA B 32 -2.91 -26.27 -7.30
N VAL B 33 -2.59 -25.40 -8.25
CA VAL B 33 -1.79 -24.21 -7.86
C VAL B 33 -2.57 -22.99 -8.40
N ALA B 34 -2.73 -21.94 -7.59
CA ALA B 34 -3.35 -20.67 -8.02
C ALA B 34 -2.27 -19.59 -8.05
N TRP B 35 -2.51 -18.57 -8.88
CA TRP B 35 -1.61 -17.44 -8.99
C TRP B 35 -2.44 -16.18 -8.77
N TYR B 36 -1.92 -15.26 -7.92
CA TYR B 36 -2.56 -13.98 -7.57
C TYR B 36 -1.61 -12.86 -7.96
N GLN B 37 -2.25 -11.73 -8.22
CA GLN B 37 -1.56 -10.46 -8.57
C GLN B 37 -1.95 -9.45 -7.49
N GLN B 38 -0.95 -8.84 -6.81
CA GLN B 38 -1.31 -7.87 -5.71
C GLN B 38 -0.66 -6.55 -6.05
N LYS B 39 -1.49 -5.62 -6.50
CA LYS B 39 -1.02 -4.27 -6.89
C LYS B 39 -0.93 -3.43 -5.59
N PRO B 40 -0.04 -2.42 -5.60
CA PRO B 40 0.12 -1.62 -4.37
C PRO B 40 -1.18 -1.04 -3.80
N GLY B 41 -1.38 -1.22 -2.49
CA GLY B 41 -2.55 -0.73 -1.80
C GLY B 41 -3.82 -1.58 -1.99
N GLN B 42 -3.70 -2.71 -2.66
CA GLN B 42 -4.93 -3.48 -2.97
C GLN B 42 -4.79 -4.87 -2.43
N SER B 43 -5.89 -5.60 -2.34
N SER B 43 -5.90 -5.59 -2.39
CA SER B 43 -5.77 -7.00 -1.94
CA SER B 43 -5.84 -7.00 -2.00
C SER B 43 -5.32 -7.84 -3.14
C SER B 43 -5.34 -7.84 -3.18
N PRO B 44 -4.89 -9.09 -2.93
CA PRO B 44 -4.52 -9.95 -4.01
C PRO B 44 -5.78 -10.16 -4.87
N LYS B 45 -5.50 -10.31 -6.18
CA LYS B 45 -6.50 -10.65 -7.18
C LYS B 45 -6.17 -11.99 -7.82
N LEU B 46 -7.17 -12.89 -7.85
CA LEU B 46 -6.93 -14.20 -8.43
C LEU B 46 -6.81 -14.07 -9.98
N LEU B 47 -5.76 -14.64 -10.54
CA LEU B 47 -5.62 -14.71 -12.04
C LEU B 47 -5.82 -16.12 -12.59
N ILE B 48 -5.17 -17.10 -11.94
CA ILE B 48 -5.07 -18.47 -12.46
C ILE B 48 -5.43 -19.44 -11.34
N TYR B 49 -6.18 -20.50 -11.65
CA TYR B 49 -6.38 -21.57 -10.65
C TYR B 49 -6.20 -22.95 -11.33
N SER B 50 -5.98 -24.00 -10.54
CA SER B 50 -5.61 -25.34 -11.12
C SER B 50 -4.58 -25.22 -12.19
N ALA B 51 -3.53 -24.46 -11.86
CA ALA B 51 -2.28 -24.33 -12.57
C ALA B 51 -2.41 -23.59 -13.91
N SER B 52 -3.51 -23.78 -14.64
CA SER B 52 -3.55 -23.27 -15.99
C SER B 52 -4.88 -22.64 -16.42
N TYR B 53 -5.84 -22.59 -15.53
CA TYR B 53 -7.11 -21.98 -15.87
C TYR B 53 -7.17 -20.52 -15.50
N ARG B 54 -7.46 -19.65 -16.47
CA ARG B 54 -7.79 -18.30 -16.10
C ARG B 54 -9.10 -18.12 -15.41
N TYR B 55 -9.11 -17.26 -14.39
CA TYR B 55 -10.35 -16.90 -13.76
C TYR B 55 -11.15 -15.96 -14.68
N THR B 56 -12.44 -15.88 -14.42
CA THR B 56 -13.35 -15.00 -15.19
C THR B 56 -12.84 -13.61 -15.35
N GLY B 57 -12.70 -13.09 -16.58
CA GLY B 57 -12.41 -11.65 -16.75
C GLY B 57 -10.89 -11.40 -16.77
N VAL B 58 -10.11 -12.44 -16.52
CA VAL B 58 -8.66 -12.28 -16.58
C VAL B 58 -8.11 -12.18 -18.02
N PRO B 59 -7.29 -11.15 -18.31
CA PRO B 59 -6.78 -10.95 -19.68
C PRO B 59 -6.04 -12.17 -20.23
N ASP B 60 -6.10 -12.40 -21.54
CA ASP B 60 -5.40 -13.53 -22.16
C ASP B 60 -3.91 -13.51 -22.04
N ARG B 61 -3.31 -12.34 -21.79
CA ARG B 61 -1.85 -12.39 -21.69
C ARG B 61 -1.33 -13.20 -20.49
N PHE B 62 -2.24 -13.55 -19.57
CA PHE B 62 -1.77 -14.25 -18.32
C PHE B 62 -2.03 -15.73 -18.55
N THR B 63 -1.00 -16.53 -18.43
CA THR B 63 -1.18 -18.01 -18.41
C THR B 63 -0.38 -18.65 -17.30
N GLY B 64 -0.71 -19.90 -17.06
CA GLY B 64 0.05 -20.71 -16.11
C GLY B 64 0.27 -22.09 -16.69
N SER B 65 1.34 -22.72 -16.25
CA SER B 65 1.59 -24.10 -16.62
C SER B 65 2.25 -24.87 -15.49
N GLY B 66 2.38 -26.17 -15.69
CA GLY B 66 3.04 -27.00 -14.75
C GLY B 66 2.11 -28.02 -14.11
N SER B 67 2.73 -29.00 -13.48
N SER B 67 2.78 -29.04 -13.58
CA SER B 67 2.00 -30.04 -12.80
CA SER B 67 2.15 -30.08 -12.84
C SER B 67 3.03 -30.92 -12.08
C SER B 67 3.20 -30.71 -11.93
N GLY B 68 2.78 -31.26 -10.82
CA GLY B 68 3.77 -31.95 -9.95
C GLY B 68 4.35 -30.98 -8.92
N THR B 69 5.56 -30.50 -9.16
CA THR B 69 6.20 -29.57 -8.23
C THR B 69 6.60 -28.27 -8.92
N ASP B 70 6.69 -28.24 -10.26
CA ASP B 70 7.34 -27.04 -10.91
C ASP B 70 6.29 -26.29 -11.66
N PHE B 71 6.01 -25.07 -11.25
CA PHE B 71 4.93 -24.26 -11.89
C PHE B 71 5.44 -22.90 -12.40
N THR B 72 4.82 -22.40 -13.45
CA THR B 72 5.33 -21.16 -14.14
C THR B 72 4.12 -20.34 -14.43
N PHE B 73 4.19 -19.05 -14.10
CA PHE B 73 3.20 -18.12 -14.49
C PHE B 73 3.83 -17.22 -15.56
N THR B 74 3.10 -16.85 -16.63
CA THR B 74 3.78 -16.12 -17.69
C THR B 74 2.87 -15.01 -18.08
N ILE B 75 3.43 -13.84 -18.34
CA ILE B 75 2.73 -12.76 -18.95
C ILE B 75 3.38 -12.59 -20.38
N SER B 76 2.56 -12.73 -21.41
CA SER B 76 3.19 -12.94 -22.74
C SER B 76 3.60 -11.58 -23.25
N SER B 77 2.92 -10.52 -22.80
CA SER B 77 3.38 -9.15 -23.23
C SER B 77 3.08 -8.20 -22.04
N VAL B 78 4.11 -7.88 -21.29
CA VAL B 78 3.95 -7.08 -20.02
C VAL B 78 3.36 -5.70 -20.32
N GLN B 79 2.29 -5.31 -19.64
CA GLN B 79 1.69 -4.00 -19.79
C GLN B 79 2.13 -3.13 -18.63
N ALA B 80 2.01 -1.81 -18.80
CA ALA B 80 2.50 -0.94 -17.72
C ALA B 80 1.75 -1.20 -16.45
N GLU B 81 0.46 -1.49 -16.54
CA GLU B 81 -0.38 -1.68 -15.36
C GLU B 81 -0.17 -3.04 -14.71
N ASP B 82 0.77 -3.82 -15.21
CA ASP B 82 1.04 -5.18 -14.66
C ASP B 82 2.07 -5.15 -13.51
N LEU B 83 2.49 -3.95 -13.13
CA LEU B 83 3.34 -3.79 -11.96
C LEU B 83 2.56 -4.30 -10.71
N ALA B 84 3.14 -5.26 -10.06
CA ALA B 84 2.51 -5.91 -8.95
C ALA B 84 3.42 -6.96 -8.35
N VAL B 85 2.99 -7.52 -7.22
CA VAL B 85 3.61 -8.68 -6.59
C VAL B 85 2.77 -9.90 -7.00
N TYR B 86 3.41 -10.91 -7.61
CA TYR B 86 2.65 -12.11 -8.04
C TYR B 86 2.96 -13.19 -7.05
N TYR B 87 1.93 -13.86 -6.58
CA TYR B 87 2.08 -15.00 -5.63
C TYR B 87 1.51 -16.29 -6.20
N CYS B 88 2.24 -17.38 -6.03
CA CYS B 88 1.58 -18.69 -6.23
C CYS B 88 1.03 -19.21 -4.95
N GLN B 89 0.09 -20.15 -5.04
CA GLN B 89 -0.50 -20.73 -3.79
C GLN B 89 -0.83 -22.19 -4.13
N GLN B 90 -0.61 -23.16 -3.24
CA GLN B 90 -1.21 -24.49 -3.52
C GLN B 90 -2.55 -24.57 -2.89
N HIS B 91 -3.52 -25.16 -3.62
CA HIS B 91 -4.82 -25.47 -3.11
C HIS B 91 -5.00 -27.02 -3.12
N TYR B 92 -3.88 -27.72 -2.86
CA TYR B 92 -3.80 -29.19 -2.88
C TYR B 92 -4.18 -29.77 -1.51
N SER B 93 -3.59 -29.27 -0.39
CA SER B 93 -4.05 -29.78 0.88
C SER B 93 -3.84 -28.73 1.97
N THR B 94 -4.67 -28.81 3.00
CA THR B 94 -4.61 -27.83 4.10
C THR B 94 -3.41 -28.06 4.99
N PRO B 95 -2.82 -27.00 5.53
CA PRO B 95 -3.22 -25.59 5.34
C PRO B 95 -2.76 -25.08 3.98
N TRP B 96 -3.58 -24.22 3.36
CA TRP B 96 -3.25 -23.62 2.07
C TRP B 96 -2.09 -22.71 2.28
N THR B 97 -1.10 -22.77 1.41
CA THR B 97 0.13 -22.03 1.62
C THR B 97 0.48 -21.28 0.30
N PHE B 98 1.09 -20.11 0.50
CA PHE B 98 1.44 -19.17 -0.58
C PHE B 98 2.95 -19.16 -0.77
N GLY B 99 3.37 -18.89 -1.99
CA GLY B 99 4.82 -18.58 -2.22
C GLY B 99 5.11 -17.20 -1.63
N GLY B 100 6.38 -16.80 -1.66
CA GLY B 100 6.73 -15.58 -0.94
C GLY B 100 6.61 -14.33 -1.82
N GLY B 101 6.19 -14.53 -3.09
CA GLY B 101 5.88 -13.39 -3.97
C GLY B 101 7.04 -13.00 -4.88
N THR B 102 6.73 -12.45 -6.05
CA THR B 102 7.77 -11.92 -6.90
C THR B 102 7.27 -10.61 -7.42
N LYS B 103 8.02 -9.57 -7.18
CA LYS B 103 7.56 -8.22 -7.56
C LYS B 103 8.12 -7.90 -8.92
N LEU B 104 7.27 -7.51 -9.87
CA LEU B 104 7.78 -7.19 -11.14
C LEU B 104 8.15 -5.79 -11.13
N GLU B 105 9.31 -5.45 -11.68
N GLU B 105 9.36 -5.51 -11.65
CA GLU B 105 9.65 -4.05 -11.83
CA GLU B 105 9.91 -4.18 -11.87
C GLU B 105 10.10 -3.69 -13.26
C GLU B 105 9.76 -3.81 -13.36
N LEU B 106 9.58 -2.55 -13.72
CA LEU B 106 9.60 -2.26 -15.16
C LEU B 106 10.77 -1.34 -15.47
N LYS B 107 11.63 -1.72 -16.41
CA LYS B 107 12.67 -0.81 -16.92
C LYS B 107 12.07 0.14 -17.97
N ARG B 108 12.50 1.41 -18.00
CA ARG B 108 11.91 2.38 -18.93
C ARG B 108 13.00 3.43 -19.12
N THR B 109 12.73 4.46 -19.91
CA THR B 109 13.84 5.38 -20.21
C THR B 109 13.91 6.36 -19.05
N VAL B 110 15.02 7.05 -19.02
CA VAL B 110 15.38 7.95 -17.93
C VAL B 110 14.40 9.08 -17.95
N ALA B 111 13.85 9.45 -16.78
CA ALA B 111 13.06 10.66 -16.64
C ALA B 111 13.52 11.42 -15.45
N ALA B 112 13.94 12.67 -15.67
CA ALA B 112 14.26 13.54 -14.52
C ALA B 112 13.09 13.89 -13.64
N PRO B 113 13.34 14.05 -12.32
CA PRO B 113 12.20 14.52 -11.53
C PRO B 113 11.79 15.99 -11.77
N SER B 114 10.50 16.29 -11.63
N SER B 114 10.52 16.27 -11.64
CA SER B 114 10.05 17.70 -11.44
CA SER B 114 10.16 17.64 -11.45
C SER B 114 9.97 18.02 -9.93
C SER B 114 10.28 17.83 -9.94
N VAL B 115 10.78 19.00 -9.52
CA VAL B 115 11.01 19.22 -8.05
C VAL B 115 10.21 20.38 -7.54
N PHE B 116 9.62 20.23 -6.34
CA PHE B 116 8.83 21.24 -5.72
C PHE B 116 9.17 21.32 -4.21
N ILE B 117 9.19 22.53 -3.67
CA ILE B 117 9.44 22.69 -2.20
C ILE B 117 8.29 23.39 -1.54
N PHE B 118 7.93 22.96 -0.35
CA PHE B 118 6.85 23.55 0.34
C PHE B 118 7.25 24.00 1.72
N PRO B 119 6.97 25.26 2.07
CA PRO B 119 7.21 25.76 3.42
C PRO B 119 6.23 25.14 4.39
N PRO B 120 6.54 25.19 5.66
CA PRO B 120 5.55 24.85 6.63
C PRO B 120 4.35 25.83 6.61
N SER B 121 3.16 25.35 6.91
CA SER B 121 1.96 26.16 7.00
C SER B 121 2.05 26.96 8.31
N ASP B 122 1.47 28.16 8.33
CA ASP B 122 1.38 28.91 9.58
C ASP B 122 0.55 28.14 10.64
N GLU B 123 -0.49 27.43 10.21
N GLU B 123 -0.48 27.41 10.20
CA GLU B 123 -1.20 26.50 11.10
CA GLU B 123 -1.23 26.52 11.13
C GLU B 123 -0.22 25.68 11.93
C GLU B 123 -0.29 25.60 11.93
N GLN B 124 0.60 24.90 11.24
CA GLN B 124 1.52 24.01 11.91
C GLN B 124 2.47 24.76 12.84
N LEU B 125 3.00 25.88 12.37
CA LEU B 125 3.89 26.72 13.20
C LEU B 125 3.31 27.09 14.57
N LYS B 126 2.00 27.32 14.64
CA LYS B 126 1.33 27.44 15.95
C LYS B 126 1.68 26.30 16.89
N SER B 127 1.90 25.11 16.31
CA SER B 127 2.05 23.89 17.08
C SER B 127 3.44 23.72 17.67
N GLY B 128 4.43 24.51 17.22
CA GLY B 128 5.79 24.36 17.78
C GLY B 128 6.80 23.62 16.94
N THR B 129 6.29 23.12 15.81
CA THR B 129 7.10 22.33 14.92
C THR B 129 6.95 22.84 13.50
N ALA B 130 8.05 22.73 12.74
CA ALA B 130 8.00 23.05 11.31
C ALA B 130 8.39 21.83 10.46
N SER B 131 7.56 21.46 9.48
CA SER B 131 7.91 20.40 8.55
C SER B 131 8.12 21.11 7.19
N VAL B 132 9.28 20.96 6.58
CA VAL B 132 9.48 21.51 5.21
C VAL B 132 9.48 20.30 4.28
N VAL B 133 8.78 20.38 3.15
CA VAL B 133 8.66 19.18 2.31
C VAL B 133 9.18 19.43 0.94
N CYS B 134 9.96 18.48 0.44
CA CYS B 134 10.43 18.49 -0.93
C CYS B 134 9.86 17.30 -1.69
N LEU B 135 9.30 17.59 -2.89
CA LEU B 135 8.66 16.54 -3.74
C LEU B 135 9.49 16.41 -4.97
N LEU B 136 9.97 15.18 -5.27
CA LEU B 136 10.51 14.79 -6.56
C LEU B 136 9.40 13.99 -7.28
N ASN B 137 8.92 14.54 -8.41
CA ASN B 137 7.74 14.00 -9.06
C ASN B 137 8.09 13.31 -10.41
N ASN B 138 7.68 12.04 -10.47
CA ASN B 138 7.69 11.22 -11.72
C ASN B 138 9.07 11.08 -12.39
N PHE B 139 10.00 10.39 -11.73
CA PHE B 139 11.31 10.20 -12.26
C PHE B 139 11.63 8.74 -12.38
N TYR B 140 12.70 8.45 -13.12
CA TYR B 140 13.23 7.07 -13.34
C TYR B 140 14.67 7.15 -13.80
N PRO B 141 15.55 6.32 -13.25
CA PRO B 141 15.34 5.27 -12.25
C PRO B 141 15.15 5.78 -10.80
N ARG B 142 15.10 4.81 -9.87
N ARG B 142 15.01 4.86 -9.84
CA ARG B 142 14.73 5.00 -8.50
CA ARG B 142 14.58 5.22 -8.50
C ARG B 142 15.73 5.86 -7.78
C ARG B 142 15.73 5.90 -7.75
N GLU B 143 16.99 5.67 -8.14
CA GLU B 143 18.14 6.25 -7.39
C GLU B 143 18.10 7.76 -7.52
N ALA B 144 18.09 8.45 -6.37
CA ALA B 144 18.02 9.93 -6.32
C ALA B 144 18.61 10.36 -4.98
N LYS B 145 19.22 11.53 -4.97
CA LYS B 145 19.83 12.03 -3.71
C LYS B 145 19.19 13.37 -3.43
N VAL B 146 18.61 13.53 -2.23
CA VAL B 146 17.97 14.77 -1.87
C VAL B 146 18.80 15.29 -0.73
N GLN B 147 19.35 16.49 -0.84
CA GLN B 147 20.12 17.14 0.23
C GLN B 147 19.43 18.41 0.68
N TRP B 148 19.21 18.56 1.97
CA TRP B 148 18.56 19.77 2.42
C TRP B 148 19.65 20.76 2.85
N LYS B 149 19.42 22.06 2.56
CA LYS B 149 20.33 23.09 3.04
C LYS B 149 19.50 24.14 3.74
N VAL B 150 19.99 24.72 4.84
CA VAL B 150 19.26 25.74 5.53
C VAL B 150 20.35 26.81 5.72
N ASP B 151 20.07 28.01 5.23
CA ASP B 151 21.17 29.02 5.08
C ASP B 151 22.43 28.43 4.50
N ASN B 152 22.29 27.63 3.44
CA ASN B 152 23.41 27.16 2.70
C ASN B 152 24.22 26.04 3.40
N ALA B 153 23.82 25.64 4.59
CA ALA B 153 24.51 24.61 5.37
C ALA B 153 23.84 23.26 5.14
N LEU B 154 24.61 22.24 4.78
CA LEU B 154 24.04 20.87 4.63
C LEU B 154 23.46 20.30 5.91
N GLN B 155 22.21 19.82 5.84
CA GLN B 155 21.53 19.17 6.96
C GLN B 155 21.83 17.67 6.97
N SER B 156 21.84 17.13 8.19
CA SER B 156 21.79 15.67 8.27
C SER B 156 21.17 15.24 9.54
N GLY B 157 20.49 14.10 9.47
CA GLY B 157 19.83 13.60 10.64
C GLY B 157 18.46 14.15 10.97
N ASN B 158 17.95 15.10 10.19
CA ASN B 158 16.68 15.69 10.57
C ASN B 158 15.68 15.60 9.41
N SER B 159 15.86 14.61 8.55
CA SER B 159 14.85 14.43 7.49
C SER B 159 14.45 12.98 7.39
N GLN B 160 13.30 12.71 6.78
CA GLN B 160 12.92 11.33 6.50
C GLN B 160 12.35 11.37 5.09
N GLU B 161 12.46 10.25 4.39
CA GLU B 161 11.79 10.29 3.07
C GLU B 161 11.06 9.04 2.74
N SER B 162 10.18 9.14 1.78
CA SER B 162 9.52 7.90 1.36
C SER B 162 9.30 7.95 -0.11
N VAL B 163 9.10 6.77 -0.69
CA VAL B 163 9.00 6.76 -2.17
C VAL B 163 7.81 5.89 -2.63
N THR B 164 7.09 6.34 -3.65
CA THR B 164 5.90 5.59 -4.10
C THR B 164 6.36 4.38 -4.90
N GLU B 165 5.42 3.45 -5.14
CA GLU B 165 5.72 2.32 -6.03
C GLU B 165 5.74 2.79 -7.46
N GLN B 166 6.33 2.02 -8.39
CA GLN B 166 6.24 2.45 -9.84
C GLN B 166 4.82 2.73 -10.28
N ASP B 167 4.60 3.81 -11.05
CA ASP B 167 3.28 4.24 -11.38
C ASP B 167 2.69 3.26 -12.44
N SER B 168 1.41 3.01 -12.35
CA SER B 168 0.75 1.99 -13.23
C SER B 168 0.59 2.42 -14.70
N LYS B 169 0.75 3.71 -14.97
CA LYS B 169 0.74 4.24 -16.33
C LYS B 169 2.09 4.55 -16.84
N ASP B 170 2.89 5.33 -16.10
CA ASP B 170 4.17 5.70 -16.70
C ASP B 170 5.40 5.06 -16.12
N SER B 171 5.23 4.11 -15.18
CA SER B 171 6.38 3.42 -14.62
C SER B 171 7.41 4.26 -13.76
N THR B 172 7.05 5.50 -13.42
CA THR B 172 7.99 6.37 -12.66
C THR B 172 7.80 6.17 -11.17
N TYR B 173 8.78 6.70 -10.41
CA TYR B 173 8.62 6.85 -8.95
C TYR B 173 8.40 8.32 -8.61
N SER B 174 7.85 8.57 -7.42
CA SER B 174 7.91 9.94 -6.85
C SER B 174 8.44 9.75 -5.42
N LEU B 175 9.04 10.84 -4.90
CA LEU B 175 9.69 10.81 -3.58
C LEU B 175 9.30 12.03 -2.80
N SER B 176 9.07 11.88 -1.48
CA SER B 176 8.75 13.00 -0.58
C SER B 176 9.88 13.02 0.42
N SER B 177 10.47 14.18 0.72
CA SER B 177 11.38 14.23 1.85
C SER B 177 10.87 15.29 2.77
N THR B 178 10.92 15.06 4.09
CA THR B 178 10.42 16.07 4.97
C THR B 178 11.56 16.38 5.96
N LEU B 179 11.81 17.66 6.09
CA LEU B 179 12.88 18.20 6.98
C LEU B 179 12.05 18.68 8.16
N THR B 180 12.38 18.21 9.36
CA THR B 180 11.64 18.60 10.52
C THR B 180 12.47 19.44 11.51
N LEU B 181 11.99 20.65 11.86
CA LEU B 181 12.75 21.58 12.77
C LEU B 181 11.80 22.04 13.80
N SER B 182 12.30 22.55 14.95
CA SER B 182 11.41 23.24 15.80
C SER B 182 11.05 24.60 15.17
N LYS B 183 9.90 25.10 15.55
CA LYS B 183 9.42 26.42 15.15
C LYS B 183 10.49 27.50 15.39
N ALA B 184 11.18 27.44 16.52
CA ALA B 184 12.20 28.48 16.80
C ALA B 184 13.39 28.33 15.87
N ASP B 185 13.83 27.12 15.57
CA ASP B 185 14.85 26.98 14.61
C ASP B 185 14.46 27.44 13.22
N TYR B 186 13.24 27.10 12.81
CA TYR B 186 12.75 27.48 11.46
C TYR B 186 12.70 29.05 11.31
N GLU B 187 12.18 29.68 12.37
CA GLU B 187 12.07 31.16 12.37
C GLU B 187 13.41 31.90 12.40
N LYS B 188 14.45 31.27 12.88
CA LYS B 188 15.72 31.89 12.98
C LYS B 188 16.51 31.89 11.72
N HIS B 189 16.27 30.89 10.84
CA HIS B 189 16.99 30.79 9.56
C HIS B 189 16.13 31.42 8.45
N LYS B 190 16.76 31.66 7.30
CA LYS B 190 16.07 32.36 6.22
C LYS B 190 15.89 31.52 4.93
N VAL B 191 16.90 30.78 4.50
CA VAL B 191 16.86 30.17 3.14
C VAL B 191 16.74 28.66 3.30
N TYR B 192 15.71 28.08 2.66
CA TYR B 192 15.47 26.61 2.78
C TYR B 192 15.52 26.03 1.41
N ALA B 193 16.40 25.07 1.19
CA ALA B 193 16.68 24.56 -0.15
C ALA B 193 16.69 23.06 -0.16
N CYS B 194 16.12 22.50 -1.23
CA CYS B 194 16.13 21.06 -1.47
C CYS B 194 17.01 20.85 -2.72
N GLU B 195 18.13 20.17 -2.60
CA GLU B 195 19.00 19.93 -3.74
C GLU B 195 18.95 18.49 -4.23
N VAL B 196 18.63 18.36 -5.51
CA VAL B 196 18.29 17.04 -6.12
C VAL B 196 19.27 16.63 -7.20
N THR B 197 19.83 15.45 -6.97
CA THR B 197 20.75 14.78 -7.85
C THR B 197 20.06 13.53 -8.41
N HIS B 198 20.05 13.44 -9.74
CA HIS B 198 19.38 12.32 -10.43
C HIS B 198 20.03 12.15 -11.82
N GLN B 199 20.11 10.89 -12.28
CA GLN B 199 20.73 10.55 -13.58
C GLN B 199 20.16 11.39 -14.73
N GLY B 200 18.91 11.79 -14.60
CA GLY B 200 18.24 12.60 -15.62
C GLY B 200 18.55 14.10 -15.61
N LEU B 201 19.38 14.52 -14.68
CA LEU B 201 19.66 15.95 -14.50
C LEU B 201 21.13 16.06 -14.85
N SER B 202 21.49 16.96 -15.76
CA SER B 202 22.92 17.07 -16.11
C SER B 202 23.71 17.62 -14.92
N SER B 203 23.04 18.42 -14.11
CA SER B 203 23.62 18.78 -12.80
C SER B 203 22.52 18.96 -11.78
N PRO B 204 22.87 19.05 -10.49
CA PRO B 204 21.81 19.01 -9.48
C PRO B 204 20.84 20.20 -9.56
N VAL B 205 19.57 19.95 -9.35
CA VAL B 205 18.56 20.99 -9.37
C VAL B 205 18.21 21.42 -7.94
N THR B 206 18.06 22.74 -7.69
CA THR B 206 17.78 23.18 -6.33
C THR B 206 16.51 23.93 -6.38
N LYS B 207 15.53 23.63 -5.52
CA LYS B 207 14.40 24.47 -5.37
C LYS B 207 14.49 25.08 -3.96
N SER B 208 14.04 26.32 -3.77
CA SER B 208 14.29 26.97 -2.47
C SER B 208 13.26 27.97 -2.25
N PHE B 209 13.07 28.41 -1.02
CA PHE B 209 12.24 29.56 -0.69
C PHE B 209 12.99 30.28 0.46
N ASN B 210 12.62 31.55 0.60
CA ASN B 210 13.02 32.38 1.73
C ASN B 210 11.86 32.56 2.67
N ARG B 211 12.09 32.21 3.96
CA ARG B 211 11.05 32.31 4.90
C ARG B 211 10.54 33.75 4.93
N GLY B 212 9.23 33.93 4.86
CA GLY B 212 8.64 35.26 5.01
C GLY B 212 8.60 36.11 3.75
N GLU B 213 9.07 35.58 2.60
CA GLU B 213 9.23 36.34 1.34
C GLU B 213 8.42 35.72 0.22
S SO4 C . -26.40 -17.20 -4.41
O1 SO4 C . -26.95 -17.62 -5.68
O2 SO4 C . -25.37 -16.21 -4.68
O3 SO4 C . -27.38 -16.53 -3.57
O4 SO4 C . -25.91 -18.41 -3.76
S SO4 D . -15.88 0.27 10.01
O1 SO4 D . -16.64 -0.65 9.15
O2 SO4 D . -15.42 1.44 9.31
O3 SO4 D . -16.68 0.70 11.10
O4 SO4 D . -14.67 -0.38 10.49
S SO4 E . -16.60 -19.06 -8.55
O1 SO4 E . -17.88 -18.31 -8.47
O2 SO4 E . -16.37 -19.25 -10.00
O3 SO4 E . -15.49 -18.27 -7.97
O4 SO4 E . -16.67 -20.36 -7.86
S SO4 F . -7.02 -4.35 -11.16
O1 SO4 F . -8.21 -5.16 -11.53
O2 SO4 F . -7.30 -2.96 -11.44
O3 SO4 F . -6.77 -4.58 -9.75
O4 SO4 F . -5.79 -4.78 -11.85
S SO4 G . 15.98 -11.89 -5.90
O1 SO4 G . 15.26 -12.32 -4.68
O2 SO4 G . 15.12 -11.22 -6.89
O3 SO4 G . 17.10 -11.00 -5.45
O4 SO4 G . 16.60 -13.09 -6.49
#